data_5KSE
#
_entry.id   5KSE
#
_cell.length_a   105.235
_cell.length_b   105.235
_cell.length_c   104.064
_cell.angle_alpha   90.00
_cell.angle_beta   90.00
_cell.angle_gamma   120.00
#
_symmetry.space_group_name_H-M   'P 31 2 1'
#
loop_
_entity.id
_entity.type
_entity.pdbx_description
1 polymer 'Flap endonuclease 1'
2 polymer "DNA (5'-D(*AP*CP*TP*CP*TP*GP*CP*CP*TP*CP*AP*AP*GP*AP*CP*GP*GP*T)-3')"
3 polymer "DNA (5'-D(P*TP*AP*AP*TP*TP*GP*AP*GP*GP*CP*AP*GP*AP*GP*T)-3')"
4 polymer "DNA (5'-D(*AP*CP*CP*GP*TP*CP*C)-3')"
5 non-polymer 'SAMARIUM (III) ION'
6 non-polymer 'POTASSIUM ION'
7 water water
#
loop_
_entity_poly.entity_id
_entity_poly.type
_entity_poly.pdbx_seq_one_letter_code
_entity_poly.pdbx_strand_id
1 'polypeptide(L)'
;GIQGLAKLIADVAPSAIRENDIKSYFGRKVAIDASMSIYQFLIAVRQGGDVLQNEEGETTSHLMGMFYRTIRMMENGIKP
VYVFDGKPPQLKSGELAKASERRAEAEKQLQQAQAAGAEQEVEKFTKRLVKVTKQHNDECKHLLSLMGIPYLDAPSEAEA
SCAALVKAGKVYAAATEDMDCLTFGSPVLMRHLTASEAKKLPIQEFHLSRILQELGLNQEQFVDLCILLGSDYCESIRGI
GPKRAVDLIQKHKSIEEIVRRLDPNKYPVPENWLHKEAHQLFLEPEVLDPESVELKWSEPNEEELIKFMCGEKQFSEERI
RSGVKRLSKSRQGSTLEVLFQ
;
A
2 'polydeoxyribonucleotide' (DA)(DC)(DT)(DC)(DT)(DG)(DC)(DC)(DT)(DC)(DA)(DA)(DG)(DA)(DC)(DG)(DG)(DT) D
3 'polydeoxyribonucleotide' (DT)(DT)(DA)(DA)(DT)(DT)(DG)(DA)(DG)(DG)(DC)(DA)(DG)(DA)(DG)(DT) E
4 'polydeoxyribonucleotide' (DA)(DC)(DC)(DG)(DT)(DC)(DC) F
#
loop_
_chem_comp.id
_chem_comp.type
_chem_comp.name
_chem_comp.formula
DA DNA linking 2'-DEOXYADENOSINE-5'-MONOPHOSPHATE 'C10 H14 N5 O6 P'
DC DNA linking 2'-DEOXYCYTIDINE-5'-MONOPHOSPHATE 'C9 H14 N3 O7 P'
DG DNA linking 2'-DEOXYGUANOSINE-5'-MONOPHOSPHATE 'C10 H14 N5 O7 P'
DT DNA linking THYMIDINE-5'-MONOPHOSPHATE 'C10 H15 N2 O8 P'
K non-polymer 'POTASSIUM ION' 'K 1'
SM non-polymer 'SAMARIUM (III) ION' 'Sm 3'
#
# COMPACT_ATOMS: atom_id res chain seq x y z
N GLY A 1 9.27 -1.52 -0.46
CA GLY A 1 9.21 -2.33 0.74
C GLY A 1 10.55 -2.53 1.40
N ILE A 2 10.57 -3.39 2.43
CA ILE A 2 11.81 -3.75 3.13
C ILE A 2 12.04 -5.23 2.89
N GLN A 3 13.17 -5.56 2.28
CA GLN A 3 13.44 -6.93 1.83
C GLN A 3 13.53 -7.86 3.02
N GLY A 4 12.55 -8.75 3.15
CA GLY A 4 12.59 -9.80 4.15
C GLY A 4 12.16 -9.40 5.54
N LEU A 5 11.54 -8.22 5.70
CA LEU A 5 11.17 -7.77 7.04
C LEU A 5 10.00 -8.58 7.60
N ALA A 6 8.98 -8.83 6.77
CA ALA A 6 7.84 -9.61 7.24
C ALA A 6 8.27 -11.00 7.69
N LYS A 7 9.23 -11.59 7.01
CA LYS A 7 9.74 -12.90 7.41
C LYS A 7 10.54 -12.80 8.70
N LEU A 8 11.37 -11.76 8.84
CA LEU A 8 12.14 -11.57 10.05
C LEU A 8 11.23 -11.42 11.26
N ILE A 9 10.18 -10.60 11.15
CA ILE A 9 9.25 -10.43 12.25
C ILE A 9 8.66 -11.77 12.66
N ALA A 10 8.23 -12.55 11.67
CA ALA A 10 7.57 -13.83 11.96
C ALA A 10 8.49 -14.80 12.68
N ASP A 11 9.81 -14.65 12.52
N ASP A 11 9.81 -14.66 12.52
CA ASP A 11 10.77 -15.57 13.12
CA ASP A 11 10.77 -15.57 13.12
C ASP A 11 11.35 -15.05 14.44
C ASP A 11 11.35 -15.04 14.44
N VAL A 12 11.61 -13.75 14.54
CA VAL A 12 12.22 -13.17 15.73
C VAL A 12 11.19 -12.47 16.61
N ALA A 13 10.19 -11.83 16.02
CA ALA A 13 9.20 -11.08 16.79
C ALA A 13 7.79 -11.58 16.50
N PRO A 14 7.53 -12.88 16.63
CA PRO A 14 6.19 -13.38 16.30
C PRO A 14 5.09 -12.78 17.15
N SER A 15 5.42 -12.31 18.36
CA SER A 15 4.39 -11.76 19.24
C SER A 15 3.79 -10.47 18.69
N ALA A 16 4.46 -9.82 17.73
CA ALA A 16 3.93 -8.60 17.14
C ALA A 16 2.86 -8.87 16.10
N ILE A 17 2.67 -10.12 15.69
CA ILE A 17 1.68 -10.49 14.68
C ILE A 17 0.47 -11.05 15.40
N ARG A 18 -0.66 -10.33 15.32
CA ARG A 18 -1.91 -10.74 15.94
C ARG A 18 -2.96 -10.90 14.86
N GLU A 19 -3.80 -11.92 15.02
CA GLU A 19 -4.87 -12.20 14.07
C GLU A 19 -6.22 -12.12 14.78
N ASN A 20 -7.18 -11.47 14.13
CA ASN A 20 -8.52 -11.34 14.66
C ASN A 20 -9.53 -11.59 13.56
N ASP A 21 -10.76 -11.85 13.95
CA ASP A 21 -11.82 -12.13 13.00
C ASP A 21 -12.37 -10.84 12.41
N ILE A 22 -12.81 -10.93 11.15
CA ILE A 22 -13.38 -9.77 10.46
C ILE A 22 -14.52 -9.16 11.27
N LYS A 23 -15.21 -9.98 12.07
CA LYS A 23 -16.35 -9.49 12.83
C LYS A 23 -15.94 -8.52 13.94
N SER A 24 -14.68 -8.52 14.33
CA SER A 24 -14.21 -7.68 15.43
C SER A 24 -13.85 -6.27 14.98
N TYR A 25 -13.90 -5.97 13.68
CA TYR A 25 -13.45 -4.68 13.16
C TYR A 25 -14.61 -3.76 12.83
N PHE A 26 -15.85 -4.14 13.17
CA PHE A 26 -16.99 -3.25 12.93
C PHE A 26 -16.76 -1.91 13.63
N GLY A 27 -16.84 -0.83 12.85
CA GLY A 27 -16.67 0.50 13.38
C GLY A 27 -15.26 1.06 13.29
N ARG A 28 -14.30 0.27 12.84
CA ARG A 28 -12.90 0.67 12.83
C ARG A 28 -12.58 1.40 11.52
N LYS A 29 -11.69 2.38 11.62
CA LYS A 29 -11.22 3.13 10.47
C LYS A 29 -9.82 2.66 10.09
N VAL A 30 -9.55 2.61 8.78
CA VAL A 30 -8.25 2.20 8.27
C VAL A 30 -7.86 3.11 7.11
N ALA A 31 -6.55 3.26 6.92
CA ALA A 31 -5.99 4.00 5.79
C ALA A 31 -5.40 3.01 4.80
N ILE A 32 -5.68 3.23 3.51
CA ILE A 32 -5.31 2.30 2.45
C ILE A 32 -4.42 3.02 1.45
N ASP A 33 -3.33 2.36 1.06
CA ASP A 33 -2.48 2.84 -0.02
C ASP A 33 -3.22 2.58 -1.33
N ALA A 34 -3.83 3.63 -1.88
CA ALA A 34 -4.73 3.45 -3.03
C ALA A 34 -3.98 2.93 -4.25
N SER A 35 -2.78 3.44 -4.51
CA SER A 35 -2.03 3.03 -5.69
C SER A 35 -1.81 1.52 -5.71
N MET A 36 -1.49 0.93 -4.56
CA MET A 36 -1.24 -0.50 -4.53
C MET A 36 -2.52 -1.30 -4.79
N SER A 37 -3.65 -0.84 -4.26
CA SER A 37 -4.91 -1.54 -4.52
C SER A 37 -5.28 -1.45 -5.99
N ILE A 38 -5.07 -0.28 -6.61
CA ILE A 38 -5.34 -0.13 -8.04
C ILE A 38 -4.46 -1.10 -8.83
N TYR A 39 -3.17 -1.16 -8.48
CA TYR A 39 -2.26 -2.06 -9.18
C TYR A 39 -2.70 -3.51 -9.04
N GLN A 40 -3.14 -3.90 -7.83
CA GLN A 40 -3.64 -5.25 -7.62
C GLN A 40 -4.76 -5.59 -8.60
N PHE A 41 -5.67 -4.65 -8.85
CA PHE A 41 -6.82 -4.92 -9.70
C PHE A 41 -6.43 -4.96 -11.18
N LEU A 42 -5.56 -4.06 -11.62
CA LEU A 42 -5.12 -4.07 -13.01
C LEU A 42 -4.40 -5.37 -13.35
N ILE A 43 -3.65 -5.91 -12.40
CA ILE A 43 -2.91 -7.14 -12.65
C ILE A 43 -3.86 -8.34 -12.66
N ALA A 44 -4.72 -8.44 -11.66
CA ALA A 44 -5.50 -9.65 -11.47
C ALA A 44 -6.77 -9.65 -12.32
N VAL A 45 -7.48 -8.53 -12.35
CA VAL A 45 -8.80 -8.47 -12.99
C VAL A 45 -8.62 -8.52 -14.50
N ARG A 46 -8.40 -9.72 -15.03
CA ARG A 46 -8.25 -9.92 -16.47
C ARG A 46 -9.24 -10.97 -16.94
N GLN A 47 -9.71 -10.81 -18.18
CA GLN A 47 -10.61 -11.76 -18.82
C GLN A 47 -10.01 -12.14 -20.17
N GLY A 48 -9.39 -13.32 -20.22
CA GLY A 48 -8.75 -13.77 -21.44
C GLY A 48 -7.44 -13.08 -21.73
N GLY A 49 -6.63 -12.81 -20.71
CA GLY A 49 -5.40 -12.07 -20.87
C GLY A 49 -5.57 -10.58 -21.04
N ASP A 50 -6.81 -10.09 -21.18
CA ASP A 50 -7.09 -8.68 -21.34
C ASP A 50 -7.90 -8.19 -20.15
N VAL A 51 -7.92 -6.87 -19.97
CA VAL A 51 -8.61 -6.27 -18.83
C VAL A 51 -10.08 -6.04 -19.18
N LEU A 52 -10.87 -5.70 -18.17
CA LEU A 52 -12.24 -5.28 -18.42
C LEU A 52 -12.23 -3.87 -18.98
N GLN A 53 -13.24 -3.56 -19.81
CA GLN A 53 -13.29 -2.28 -20.48
C GLN A 53 -14.69 -2.04 -21.01
N ASN A 54 -15.02 -0.77 -21.24
CA ASN A 54 -16.23 -0.43 -21.96
C ASN A 54 -15.96 -0.48 -23.46
N GLU A 55 -17.01 -0.25 -24.25
CA GLU A 55 -16.86 -0.37 -25.70
C GLU A 55 -15.92 0.68 -26.27
N GLU A 56 -15.71 1.80 -25.57
CA GLU A 56 -14.76 2.81 -26.02
C GLU A 56 -13.31 2.39 -25.80
N GLY A 57 -13.05 1.20 -25.26
CA GLY A 57 -11.70 0.78 -24.98
C GLY A 57 -11.11 1.32 -23.69
N GLU A 58 -11.91 1.98 -22.85
CA GLU A 58 -11.41 2.54 -21.60
C GLU A 58 -11.43 1.46 -20.52
N THR A 59 -10.30 1.26 -19.85
CA THR A 59 -10.17 0.21 -18.85
C THR A 59 -11.06 0.48 -17.64
N THR A 60 -11.61 -0.60 -17.07
CA THR A 60 -12.49 -0.50 -15.92
C THR A 60 -12.15 -1.46 -14.78
N SER A 61 -11.08 -2.25 -14.90
CA SER A 61 -10.72 -3.17 -13.83
C SER A 61 -10.53 -2.45 -12.50
N HIS A 62 -9.82 -1.32 -12.51
CA HIS A 62 -9.59 -0.59 -11.28
C HIS A 62 -10.91 -0.10 -10.68
N LEU A 63 -11.86 0.30 -11.52
CA LEU A 63 -13.16 0.72 -11.01
C LEU A 63 -13.94 -0.46 -10.47
N MET A 64 -13.82 -1.62 -11.11
CA MET A 64 -14.48 -2.82 -10.62
CA MET A 64 -14.47 -2.83 -10.63
C MET A 64 -14.10 -3.10 -9.18
N GLY A 65 -12.80 -3.29 -8.91
CA GLY A 65 -12.36 -3.64 -7.58
C GLY A 65 -12.61 -2.53 -6.58
N MET A 66 -12.20 -1.31 -6.91
CA MET A 66 -12.40 -0.18 -6.02
C MET A 66 -13.85 -0.10 -5.56
N PHE A 67 -14.79 -0.38 -6.47
CA PHE A 67 -16.21 -0.29 -6.15
C PHE A 67 -16.62 -1.42 -5.20
N TYR A 68 -16.39 -2.67 -5.61
CA TYR A 68 -16.93 -3.80 -4.85
C TYR A 68 -16.14 -4.07 -3.58
N ARG A 69 -14.81 -4.02 -3.63
CA ARG A 69 -14.02 -4.23 -2.42
C ARG A 69 -14.36 -3.19 -1.36
N THR A 70 -14.46 -1.92 -1.77
CA THR A 70 -14.81 -0.87 -0.82
C THR A 70 -16.17 -1.13 -0.20
N ILE A 71 -17.14 -1.57 -1.00
CA ILE A 71 -18.47 -1.87 -0.47
C ILE A 71 -18.41 -3.02 0.52
N ARG A 72 -17.65 -4.07 0.19
CA ARG A 72 -17.55 -5.20 1.10
C ARG A 72 -16.96 -4.77 2.44
N MET A 73 -15.94 -3.91 2.41
CA MET A 73 -15.39 -3.39 3.66
C MET A 73 -16.46 -2.67 4.47
N MET A 74 -17.28 -1.84 3.82
CA MET A 74 -18.29 -1.08 4.53
C MET A 74 -19.39 -1.98 5.06
N GLU A 75 -19.67 -3.11 4.39
CA GLU A 75 -20.67 -4.05 4.90
C GLU A 75 -20.20 -4.67 6.20
N ASN A 76 -18.90 -4.85 6.37
CA ASN A 76 -18.32 -5.34 7.61
C ASN A 76 -18.04 -4.22 8.60
N GLY A 77 -18.57 -3.02 8.36
CA GLY A 77 -18.36 -1.91 9.26
C GLY A 77 -16.98 -1.30 9.21
N ILE A 78 -16.17 -1.65 8.21
CA ILE A 78 -14.82 -1.13 8.09
C ILE A 78 -14.87 0.11 7.21
N LYS A 79 -14.37 1.23 7.74
CA LYS A 79 -14.46 2.52 7.07
C LYS A 79 -13.10 2.90 6.52
N PRO A 80 -12.87 2.82 5.20
CA PRO A 80 -11.54 3.13 4.67
C PRO A 80 -11.39 4.57 4.19
N VAL A 81 -10.17 5.05 4.31
CA VAL A 81 -9.74 6.29 3.68
C VAL A 81 -8.59 5.96 2.75
N TYR A 82 -8.71 6.34 1.49
CA TYR A 82 -7.71 6.03 0.49
C TYR A 82 -6.72 7.17 0.38
N VAL A 83 -5.43 6.82 0.33
CA VAL A 83 -4.35 7.79 0.31
C VAL A 83 -3.57 7.61 -1.00
N PHE A 84 -3.45 8.69 -1.76
CA PHE A 84 -2.79 8.65 -3.06
C PHE A 84 -1.39 9.24 -2.97
N ASP A 85 -0.46 8.63 -3.69
CA ASP A 85 0.93 9.10 -3.70
C ASP A 85 1.01 10.51 -4.29
N GLY A 86 2.13 11.16 -4.01
CA GLY A 86 2.48 12.43 -4.60
C GLY A 86 3.89 12.38 -5.16
N LYS A 87 4.54 13.55 -5.17
CA LYS A 87 5.91 13.64 -5.67
C LYS A 87 6.82 12.68 -4.91
N PRO A 88 7.47 11.73 -5.58
CA PRO A 88 8.39 10.87 -4.86
C PRO A 88 9.56 11.67 -4.33
N PRO A 89 10.18 11.22 -3.23
CA PRO A 89 11.38 11.90 -2.75
C PRO A 89 12.58 11.66 -3.66
N GLN A 90 13.52 12.60 -3.62
CA GLN A 90 14.71 12.51 -4.46
C GLN A 90 15.43 11.18 -4.27
N LEU A 91 15.56 10.72 -3.02
CA LEU A 91 16.30 9.50 -2.75
C LEU A 91 15.76 8.33 -3.56
N LYS A 92 14.47 8.36 -3.93
CA LYS A 92 13.92 7.28 -4.73
C LYS A 92 14.38 7.35 -6.17
N SER A 93 14.87 8.50 -6.63
CA SER A 93 15.28 8.64 -8.03
C SER A 93 16.35 7.62 -8.39
N GLY A 94 17.27 7.32 -7.47
CA GLY A 94 18.25 6.29 -7.71
C GLY A 94 17.62 4.94 -8.03
N GLU A 95 16.48 4.66 -7.41
CA GLU A 95 15.76 3.40 -7.66
C GLU A 95 14.74 3.53 -8.78
N LEU A 96 14.22 4.74 -9.03
CA LEU A 96 13.30 4.92 -10.13
C LEU A 96 13.97 4.63 -11.47
N ALA A 97 15.23 5.04 -11.62
CA ALA A 97 15.96 4.80 -12.86
C ALA A 97 16.12 3.30 -13.11
N LYS A 98 16.39 2.53 -12.05
CA LYS A 98 16.52 1.09 -12.19
C LYS A 98 15.21 0.42 -12.58
N ALA A 99 14.07 1.05 -12.29
CA ALA A 99 12.79 0.49 -12.69
C ALA A 99 12.55 0.66 -14.18
N SER A 100 12.91 1.83 -14.73
CA SER A 100 12.73 2.07 -16.16
C SER A 100 13.55 1.07 -16.97
N GLU A 101 14.72 0.68 -16.49
CA GLU A 101 15.48 -0.37 -17.15
C GLU A 101 14.65 -1.63 -17.30
N ARG A 102 13.94 -2.02 -16.24
CA ARG A 102 13.14 -3.24 -16.29
C ARG A 102 11.94 -3.08 -17.23
N ARG A 103 11.35 -1.88 -17.28
CA ARG A 103 10.26 -1.64 -18.22
C ARG A 103 10.78 -1.56 -19.65
N ALA A 104 11.93 -0.90 -19.84
CA ALA A 104 12.53 -0.84 -21.17
C ALA A 104 12.81 -2.23 -21.70
N GLU A 105 13.42 -3.08 -20.88
CA GLU A 105 13.70 -4.45 -21.30
C GLU A 105 12.42 -5.26 -21.47
N ALA A 106 11.44 -5.04 -20.59
CA ALA A 106 10.16 -5.73 -20.73
C ALA A 106 9.44 -5.31 -22.00
N GLU A 107 9.62 -4.05 -22.43
CA GLU A 107 9.07 -3.62 -23.70
C GLU A 107 9.80 -4.28 -24.86
N LYS A 108 11.14 -4.32 -24.81
CA LYS A 108 11.92 -5.00 -25.84
C LYS A 108 11.43 -6.42 -26.04
N GLN A 109 11.21 -7.15 -24.95
CA GLN A 109 10.77 -8.52 -25.02
C GLN A 109 9.28 -8.66 -25.33
N LEU A 110 8.52 -7.56 -25.26
CA LEU A 110 7.11 -7.61 -25.61
C LEU A 110 6.95 -7.76 -27.12
N GLN A 111 7.34 -6.74 -27.87
CA GLN A 111 7.20 -6.77 -29.32
C GLN A 111 7.90 -7.99 -29.92
N GLN A 112 8.93 -8.51 -29.24
CA GLN A 112 9.58 -9.73 -29.70
C GLN A 112 8.59 -10.90 -29.73
N ALA A 113 7.92 -11.15 -28.61
CA ALA A 113 6.90 -12.20 -28.58
C ALA A 113 5.73 -11.88 -29.51
N GLN A 114 5.43 -10.59 -29.69
CA GLN A 114 4.33 -10.21 -30.58
C GLN A 114 4.67 -10.54 -32.03
N ALA A 115 5.80 -10.02 -32.53
CA ALA A 115 6.23 -10.35 -33.88
C ALA A 115 6.45 -11.85 -34.07
N ALA A 116 6.60 -12.60 -32.98
CA ALA A 116 6.76 -14.05 -33.04
C ALA A 116 5.46 -14.80 -32.77
N GLY A 117 4.32 -14.12 -32.89
CA GLY A 117 3.02 -14.76 -32.76
C GLY A 117 2.87 -15.63 -31.52
N ALA A 118 3.59 -15.29 -30.46
CA ALA A 118 3.50 -16.06 -29.23
C ALA A 118 2.18 -15.77 -28.53
N GLU A 119 1.81 -16.66 -27.61
CA GLU A 119 0.57 -16.55 -26.85
C GLU A 119 0.85 -16.31 -25.37
N GLN A 120 1.39 -17.31 -24.67
CA GLN A 120 1.68 -17.14 -23.25
C GLN A 120 2.74 -16.07 -23.01
N GLU A 121 3.64 -15.85 -23.97
CA GLU A 121 4.66 -14.82 -23.82
C GLU A 121 4.05 -13.44 -23.85
N VAL A 122 3.01 -13.24 -24.66
CA VAL A 122 2.35 -11.94 -24.72
C VAL A 122 1.73 -11.61 -23.36
N GLU A 123 1.00 -12.56 -22.78
CA GLU A 123 0.41 -12.35 -21.46
C GLU A 123 1.47 -12.24 -20.37
N LYS A 124 2.72 -12.65 -20.64
CA LYS A 124 3.76 -12.58 -19.64
C LYS A 124 4.27 -11.15 -19.47
N PHE A 125 4.74 -10.54 -20.55
CA PHE A 125 5.30 -9.19 -20.46
C PHE A 125 4.21 -8.13 -20.36
N THR A 126 3.00 -8.42 -20.86
CA THR A 126 1.89 -7.49 -20.72
C THR A 126 1.68 -7.13 -19.25
N LYS A 127 1.43 -8.13 -18.41
CA LYS A 127 1.24 -7.88 -16.99
C LYS A 127 2.47 -7.24 -16.37
N ARG A 128 3.66 -7.56 -16.89
CA ARG A 128 4.88 -6.96 -16.36
C ARG A 128 5.00 -5.48 -16.70
N LEU A 129 4.27 -5.00 -17.71
CA LEU A 129 4.32 -3.59 -18.09
C LEU A 129 3.17 -2.78 -17.50
N VAL A 130 2.22 -3.43 -16.83
CA VAL A 130 1.10 -2.75 -16.18
C VAL A 130 1.64 -1.65 -15.28
N LYS A 131 0.93 -0.53 -15.21
CA LYS A 131 1.32 0.57 -14.35
C LYS A 131 0.10 1.43 -14.07
N VAL A 132 0.09 2.03 -12.90
CA VAL A 132 -1.01 2.91 -12.49
C VAL A 132 -0.73 4.31 -13.01
N THR A 133 -1.68 4.86 -13.76
CA THR A 133 -1.52 6.16 -14.39
C THR A 133 -2.33 7.21 -13.65
N LYS A 134 -2.09 8.48 -14.02
CA LYS A 134 -2.87 9.57 -13.45
C LYS A 134 -4.35 9.41 -13.77
N GLN A 135 -4.68 8.89 -14.96
CA GLN A 135 -6.07 8.69 -15.32
C GLN A 135 -6.69 7.57 -14.48
N HIS A 136 -5.91 6.55 -14.12
CA HIS A 136 -6.40 5.56 -13.18
C HIS A 136 -6.73 6.20 -11.84
N ASN A 137 -5.83 7.03 -11.33
CA ASN A 137 -6.03 7.65 -10.03
C ASN A 137 -7.19 8.64 -10.05
N ASP A 138 -7.30 9.43 -11.12
CA ASP A 138 -8.36 10.43 -11.20
C ASP A 138 -9.73 9.78 -11.29
N GLU A 139 -9.83 8.66 -12.01
CA GLU A 139 -11.12 7.98 -12.13
C GLU A 139 -11.52 7.35 -10.81
N CYS A 140 -10.57 6.80 -10.06
CA CYS A 140 -10.88 6.23 -8.74
C CYS A 140 -11.29 7.33 -7.76
N LYS A 141 -10.56 8.45 -7.75
CA LYS A 141 -10.97 9.58 -6.93
C LYS A 141 -12.39 9.99 -7.27
N HIS A 142 -12.71 10.07 -8.56
CA HIS A 142 -14.06 10.43 -8.99
C HIS A 142 -15.08 9.42 -8.48
N LEU A 143 -14.75 8.13 -8.54
CA LEU A 143 -15.64 7.10 -8.04
C LEU A 143 -15.85 7.23 -6.54
N LEU A 144 -14.75 7.34 -5.78
CA LEU A 144 -14.86 7.43 -4.33
C LEU A 144 -15.72 8.62 -3.91
N SER A 145 -15.55 9.77 -4.58
CA SER A 145 -16.38 10.92 -4.29
C SER A 145 -17.86 10.58 -4.43
N LEU A 146 -18.22 9.94 -5.54
CA LEU A 146 -19.62 9.57 -5.75
C LEU A 146 -20.08 8.53 -4.75
N MET A 147 -19.18 7.64 -4.32
CA MET A 147 -19.51 6.65 -3.30
C MET A 147 -19.58 7.25 -1.90
N GLY A 148 -19.12 8.49 -1.71
CA GLY A 148 -19.06 9.08 -0.39
C GLY A 148 -17.89 8.61 0.44
N ILE A 149 -16.91 7.95 -0.16
CA ILE A 149 -15.76 7.42 0.55
C ILE A 149 -14.65 8.46 0.52
N PRO A 150 -14.04 8.79 1.65
CA PRO A 150 -13.02 9.85 1.65
C PRO A 150 -11.69 9.38 1.12
N TYR A 151 -10.94 10.34 0.58
CA TYR A 151 -9.59 10.07 0.11
C TYR A 151 -8.74 11.30 0.35
N LEU A 152 -7.43 11.10 0.34
CA LEU A 152 -6.47 12.16 0.63
C LEU A 152 -5.30 12.07 -0.34
N ASP A 153 -4.78 13.22 -0.73
CA ASP A 153 -3.58 13.30 -1.54
C ASP A 153 -2.39 13.55 -0.62
N ALA A 154 -1.45 12.60 -0.62
CA ALA A 154 -0.25 12.76 0.19
C ALA A 154 0.75 13.67 -0.53
N PRO A 155 1.51 14.48 0.21
CA PRO A 155 2.51 15.33 -0.46
C PRO A 155 3.65 14.54 -1.09
N SER A 156 3.98 13.38 -0.54
CA SER A 156 4.97 12.50 -1.15
C SER A 156 4.46 11.06 -1.14
N GLU A 157 5.14 10.17 -0.43
CA GLU A 157 4.77 8.75 -0.43
C GLU A 157 3.52 8.53 0.42
N ALA A 158 2.53 7.84 -0.16
CA ALA A 158 1.31 7.56 0.56
C ALA A 158 1.59 6.70 1.80
N GLU A 159 2.54 5.78 1.70
CA GLU A 159 2.89 4.95 2.85
C GLU A 159 3.19 5.79 4.07
N ALA A 160 3.92 6.90 3.88
CA ALA A 160 4.30 7.73 5.02
C ALA A 160 3.12 8.47 5.61
N SER A 161 2.19 8.91 4.76
CA SER A 161 1.03 9.65 5.25
C SER A 161 0.04 8.73 5.94
N CYS A 162 -0.11 7.49 5.46
CA CYS A 162 -0.89 6.51 6.19
C CYS A 162 -0.39 6.37 7.62
N ALA A 163 0.92 6.17 7.79
CA ALA A 163 1.51 6.06 9.11
C ALA A 163 1.18 7.27 9.97
N ALA A 164 1.26 8.48 9.39
CA ALA A 164 0.99 9.68 10.18
C ALA A 164 -0.46 9.76 10.59
N LEU A 165 -1.38 9.21 9.79
CA LEU A 165 -2.77 9.17 10.20
C LEU A 165 -2.97 8.22 11.38
N VAL A 166 -2.18 7.15 11.46
CA VAL A 166 -2.30 6.23 12.59
C VAL A 166 -1.67 6.86 13.84
N LYS A 167 -0.48 7.43 13.71
CA LYS A 167 0.13 8.13 14.83
C LYS A 167 -0.85 9.11 15.46
N ALA A 168 -1.55 9.88 14.62
CA ALA A 168 -2.49 10.88 15.10
C ALA A 168 -3.80 10.30 15.58
N GLY A 169 -4.00 8.99 15.47
CA GLY A 169 -5.24 8.41 15.92
C GLY A 169 -6.44 8.70 15.05
N LYS A 170 -6.22 9.10 13.80
CA LYS A 170 -7.33 9.36 12.90
C LYS A 170 -7.81 8.10 12.20
N VAL A 171 -6.99 7.05 12.19
CA VAL A 171 -7.40 5.71 11.77
C VAL A 171 -6.69 4.72 12.68
N TYR A 172 -7.24 3.51 12.75
CA TYR A 172 -6.66 2.50 13.63
C TYR A 172 -5.38 1.91 13.06
N ALA A 173 -5.31 1.73 11.74
CA ALA A 173 -4.17 1.04 11.15
C ALA A 173 -4.06 1.42 9.67
N ALA A 174 -2.89 1.13 9.11
CA ALA A 174 -2.66 1.26 7.69
C ALA A 174 -2.81 -0.13 7.07
N ALA A 175 -3.83 -0.29 6.24
CA ALA A 175 -4.10 -1.57 5.58
C ALA A 175 -3.30 -1.62 4.29
N THR A 176 -2.23 -2.41 4.28
CA THR A 176 -1.35 -2.48 3.12
C THR A 176 -0.51 -3.75 3.24
N GLU A 177 0.29 -4.01 2.20
CA GLU A 177 1.30 -5.06 2.22
C GLU A 177 2.72 -4.50 2.27
N ASP A 178 2.89 -3.23 1.96
CA ASP A 178 4.19 -2.56 1.98
C ASP A 178 4.63 -2.42 3.43
N MET A 179 5.57 -3.26 3.86
CA MET A 179 6.01 -3.25 5.26
C MET A 179 6.72 -1.96 5.65
N ASP A 180 7.22 -1.19 4.68
CA ASP A 180 7.92 0.03 5.02
C ASP A 180 7.01 1.06 5.70
N CYS A 181 5.71 0.78 5.79
CA CYS A 181 4.84 1.63 6.59
C CYS A 181 5.26 1.59 8.06
N LEU A 182 5.71 0.43 8.54
CA LEU A 182 6.24 0.33 9.90
C LEU A 182 7.53 1.12 10.03
N THR A 183 8.36 1.10 8.99
CA THR A 183 9.60 1.88 9.00
C THR A 183 9.30 3.38 9.05
N PHE A 184 8.14 3.79 8.54
CA PHE A 184 7.71 5.18 8.63
C PHE A 184 7.05 5.51 9.96
N GLY A 185 6.91 4.53 10.86
CA GLY A 185 6.47 4.79 12.21
C GLY A 185 5.04 4.38 12.52
N SER A 186 4.35 3.73 11.61
CA SER A 186 2.95 3.38 11.82
C SER A 186 2.82 2.46 13.04
N PRO A 187 2.06 2.85 14.06
CA PRO A 187 1.86 1.93 15.20
C PRO A 187 1.29 0.58 14.81
N VAL A 188 0.38 0.53 13.83
CA VAL A 188 -0.29 -0.71 13.45
C VAL A 188 -0.29 -0.83 11.93
N LEU A 189 -0.09 -2.06 11.45
CA LEU A 189 -0.17 -2.39 10.03
C LEU A 189 -1.05 -3.62 9.90
N MET A 190 -2.01 -3.58 8.99
CA MET A 190 -2.93 -4.69 8.76
C MET A 190 -2.73 -5.24 7.37
N ARG A 191 -2.56 -6.56 7.27
CA ARG A 191 -2.46 -7.27 6.00
C ARG A 191 -3.69 -8.13 5.81
N HIS A 192 -4.02 -8.39 4.54
CA HIS A 192 -5.06 -9.33 4.17
C HIS A 192 -6.45 -8.84 4.60
N LEU A 193 -6.65 -7.52 4.57
CA LEU A 193 -7.95 -6.94 4.88
C LEU A 193 -8.63 -6.60 3.55
N THR A 194 -9.24 -7.63 2.96
CA THR A 194 -9.96 -7.48 1.70
C THR A 194 -11.46 -7.68 1.85
N ALA A 195 -11.91 -8.27 2.95
CA ALA A 195 -13.33 -8.55 3.17
C ALA A 195 -13.89 -9.40 2.03
N SER A 196 -13.08 -10.33 1.53
CA SER A 196 -13.50 -11.20 0.45
C SER A 196 -14.28 -12.39 1.00
N GLU A 197 -15.34 -12.78 0.27
CA GLU A 197 -16.14 -13.92 0.67
C GLU A 197 -15.33 -15.20 0.73
N ALA A 198 -14.17 -15.25 0.05
CA ALA A 198 -13.36 -16.46 0.05
C ALA A 198 -12.75 -16.73 1.42
N LYS A 199 -12.28 -15.69 2.10
CA LYS A 199 -11.58 -15.82 3.38
C LYS A 199 -10.53 -16.93 3.29
N LYS A 200 -9.44 -16.60 2.61
CA LYS A 200 -8.32 -17.52 2.43
C LYS A 200 -7.12 -17.18 3.31
N LEU A 201 -6.91 -15.90 3.64
CA LEU A 201 -5.83 -15.48 4.50
C LEU A 201 -6.39 -14.74 5.72
N PRO A 202 -5.84 -14.98 6.91
CA PRO A 202 -6.36 -14.30 8.10
C PRO A 202 -5.84 -12.87 8.21
N ILE A 203 -6.71 -12.01 8.74
CA ILE A 203 -6.35 -10.61 8.94
C ILE A 203 -5.26 -10.53 10.00
N GLN A 204 -4.09 -10.05 9.59
CA GLN A 204 -2.94 -9.95 10.48
C GLN A 204 -2.70 -8.49 10.83
N GLU A 205 -2.47 -8.23 12.12
CA GLU A 205 -2.05 -6.92 12.60
C GLU A 205 -0.58 -7.00 13.01
N PHE A 206 0.21 -6.02 12.60
CA PHE A 206 1.61 -5.90 13.01
C PHE A 206 1.72 -4.69 13.93
N HIS A 207 2.03 -4.92 15.20
CA HIS A 207 2.11 -3.86 16.19
C HIS A 207 3.56 -3.46 16.37
N LEU A 208 3.86 -2.20 15.99
CA LEU A 208 5.24 -1.73 16.01
C LEU A 208 5.84 -1.79 17.41
N SER A 209 5.05 -1.48 18.44
CA SER A 209 5.57 -1.54 19.81
C SER A 209 6.04 -2.95 20.15
N ARG A 210 5.30 -3.96 19.70
CA ARG A 210 5.73 -5.35 19.92
C ARG A 210 7.01 -5.66 19.17
N ILE A 211 7.13 -5.18 17.92
CA ILE A 211 8.35 -5.40 17.15
C ILE A 211 9.55 -4.80 17.87
N LEU A 212 9.43 -3.54 18.29
CA LEU A 212 10.53 -2.88 18.97
C LEU A 212 10.90 -3.59 20.27
N GLN A 213 9.89 -4.15 20.95
CA GLN A 213 10.15 -4.78 22.24
C GLN A 213 10.90 -6.10 22.06
N GLU A 214 10.43 -6.95 21.15
CA GLU A 214 11.03 -8.27 21.00
C GLU A 214 12.40 -8.22 20.34
N LEU A 215 12.67 -7.19 19.55
CA LEU A 215 14.00 -6.97 18.98
C LEU A 215 14.89 -6.13 19.88
N GLY A 216 14.33 -5.48 20.89
CA GLY A 216 15.13 -4.66 21.80
C GLY A 216 15.67 -3.40 21.15
N LEU A 217 14.90 -2.79 20.27
CA LEU A 217 15.32 -1.59 19.56
C LEU A 217 14.36 -0.43 19.83
N ASN A 218 14.85 0.78 19.59
CA ASN A 218 14.01 1.95 19.48
C ASN A 218 13.75 2.23 18.00
N GLN A 219 12.98 3.27 17.72
CA GLN A 219 12.56 3.51 16.34
C GLN A 219 13.74 3.80 15.43
N GLU A 220 14.65 4.67 15.86
CA GLU A 220 15.79 5.01 15.02
C GLU A 220 16.66 3.78 14.74
N GLN A 221 16.83 2.92 15.75
CA GLN A 221 17.57 1.68 15.54
C GLN A 221 16.80 0.73 14.63
N PHE A 222 15.47 0.76 14.68
CA PHE A 222 14.67 -0.08 13.80
C PHE A 222 14.76 0.42 12.36
N VAL A 223 14.85 1.73 12.17
CA VAL A 223 14.99 2.27 10.82
C VAL A 223 16.32 1.82 10.21
N ASP A 224 17.41 1.94 10.98
CA ASP A 224 18.70 1.48 10.50
C ASP A 224 18.67 -0.01 10.16
N LEU A 225 17.97 -0.81 10.96
CA LEU A 225 17.80 -2.22 10.63
C LEU A 225 17.17 -2.38 9.26
N CYS A 226 16.10 -1.63 8.99
CA CYS A 226 15.42 -1.75 7.71
C CYS A 226 16.32 -1.31 6.56
N ILE A 227 17.18 -0.32 6.80
CA ILE A 227 18.11 0.12 5.77
C ILE A 227 19.08 -1.01 5.42
N LEU A 228 19.65 -1.65 6.44
CA LEU A 228 20.57 -2.76 6.20
C LEU A 228 19.86 -3.92 5.51
N LEU A 229 18.56 -4.10 5.77
CA LEU A 229 17.83 -5.17 5.10
C LEU A 229 17.63 -4.86 3.62
N GLY A 230 17.36 -3.59 3.29
CA GLY A 230 17.15 -3.20 1.91
C GLY A 230 15.89 -2.36 1.73
N SER A 231 16.07 -1.07 1.47
CA SER A 231 14.96 -0.16 1.26
C SER A 231 15.04 0.45 -0.14
N ASP A 232 13.93 1.07 -0.56
CA ASP A 232 13.85 1.71 -1.86
C ASP A 232 14.78 2.92 -1.98
N TYR A 233 15.35 3.40 -0.87
CA TYR A 233 15.94 4.74 -0.84
C TYR A 233 17.46 4.74 -0.79
N CYS A 234 18.12 3.63 -0.51
CA CYS A 234 19.58 3.61 -0.51
C CYS A 234 20.05 2.17 -0.57
N GLU A 235 21.37 2.01 -0.69
CA GLU A 235 21.98 0.70 -0.83
C GLU A 235 22.17 0.05 0.53
N SER A 236 22.13 -1.29 0.53
CA SER A 236 22.48 -2.07 1.70
C SER A 236 23.94 -2.50 1.60
N ILE A 237 24.39 -3.27 2.59
CA ILE A 237 25.76 -3.77 2.63
C ILE A 237 25.75 -5.19 2.07
N ARG A 238 26.62 -5.45 1.09
CA ARG A 238 26.76 -6.78 0.53
C ARG A 238 27.34 -7.73 1.58
N GLY A 239 26.68 -8.87 1.75
CA GLY A 239 27.11 -9.84 2.74
C GLY A 239 26.46 -9.68 4.10
N ILE A 240 25.71 -8.60 4.33
CA ILE A 240 24.98 -8.38 5.56
C ILE A 240 23.50 -8.64 5.26
N GLY A 241 22.98 -9.74 5.76
CA GLY A 241 21.60 -10.10 5.58
C GLY A 241 20.79 -9.89 6.85
N PRO A 242 19.60 -10.50 6.91
CA PRO A 242 18.76 -10.27 8.10
C PRO A 242 19.36 -10.83 9.38
N LYS A 243 20.17 -11.89 9.30
CA LYS A 243 20.74 -12.47 10.52
C LYS A 243 21.86 -11.60 11.08
N ARG A 244 22.84 -11.25 10.24
CA ARG A 244 23.93 -10.41 10.70
C ARG A 244 23.47 -8.97 10.95
N ALA A 245 22.49 -8.50 10.19
CA ALA A 245 22.00 -7.13 10.39
C ALA A 245 21.43 -6.94 11.79
N VAL A 246 20.66 -7.93 12.27
CA VAL A 246 20.10 -7.84 13.62
C VAL A 246 21.22 -7.79 14.65
N ASP A 247 22.17 -8.72 14.55
CA ASP A 247 23.24 -8.77 15.54
C ASP A 247 24.04 -7.48 15.57
N LEU A 248 24.25 -6.85 14.40
CA LEU A 248 25.03 -5.63 14.36
C LEU A 248 24.27 -4.47 14.99
N ILE A 249 22.99 -4.30 14.63
CA ILE A 249 22.19 -3.23 15.22
C ILE A 249 22.08 -3.43 16.73
N GLN A 250 21.71 -4.64 17.15
CA GLN A 250 21.60 -4.92 18.58
C GLN A 250 22.89 -4.63 19.32
N LYS A 251 24.03 -4.76 18.64
CA LYS A 251 25.33 -4.62 19.28
C LYS A 251 25.87 -3.19 19.18
N HIS A 252 25.76 -2.57 18.01
CA HIS A 252 26.33 -1.24 17.79
C HIS A 252 25.30 -0.14 17.69
N LYS A 253 24.01 -0.47 17.52
CA LYS A 253 22.91 0.48 17.59
C LYS A 253 22.75 1.31 16.32
N SER A 254 23.81 1.95 15.86
CA SER A 254 23.73 2.84 14.70
C SER A 254 24.65 2.35 13.59
N ILE A 255 24.24 2.64 12.35
CA ILE A 255 25.08 2.29 11.20
C ILE A 255 26.41 3.03 11.28
N GLU A 256 26.39 4.31 11.65
CA GLU A 256 27.62 5.07 11.82
C GLU A 256 28.62 4.31 12.69
N GLU A 257 28.13 3.67 13.75
CA GLU A 257 29.01 2.87 14.61
C GLU A 257 29.37 1.54 13.95
N ILE A 258 28.45 0.96 13.17
CA ILE A 258 28.74 -0.30 12.50
C ILE A 258 29.90 -0.13 11.53
N VAL A 259 29.94 1.01 10.83
CA VAL A 259 31.02 1.25 9.87
C VAL A 259 32.34 1.40 10.60
N ARG A 260 32.35 2.11 11.73
CA ARG A 260 33.58 2.30 12.47
C ARG A 260 34.18 0.97 12.94
N ARG A 261 33.34 -0.02 13.22
CA ARG A 261 33.80 -1.27 13.79
C ARG A 261 33.85 -2.43 12.79
N LEU A 262 33.38 -2.23 11.56
CA LEU A 262 33.49 -3.26 10.56
C LEU A 262 34.86 -3.23 9.90
N ASP A 263 35.33 -4.40 9.50
CA ASP A 263 36.58 -4.51 8.77
C ASP A 263 36.38 -4.04 7.34
N PRO A 264 36.96 -2.90 6.93
CA PRO A 264 36.64 -2.39 5.58
C PRO A 264 36.99 -3.36 4.46
N ASN A 265 37.96 -4.24 4.66
CA ASN A 265 38.33 -5.20 3.64
C ASN A 265 37.38 -6.39 3.58
N LYS A 266 36.70 -6.71 4.68
CA LYS A 266 35.79 -7.85 4.73
C LYS A 266 34.37 -7.46 4.38
N TYR A 267 33.88 -6.34 4.92
CA TYR A 267 32.53 -5.85 4.64
C TYR A 267 32.60 -4.38 4.25
N PRO A 268 33.04 -4.09 3.04
CA PRO A 268 33.09 -2.69 2.58
C PRO A 268 31.70 -2.16 2.31
N VAL A 269 31.47 -0.90 2.68
CA VAL A 269 30.17 -0.26 2.54
C VAL A 269 30.04 0.30 1.13
N PRO A 270 28.82 0.58 0.66
CA PRO A 270 28.68 1.15 -0.68
C PRO A 270 29.35 2.49 -0.81
N GLU A 271 29.75 2.83 -2.03
CA GLU A 271 30.33 4.13 -2.31
C GLU A 271 29.26 5.21 -2.24
N ASN A 272 29.61 6.35 -1.65
CA ASN A 272 28.67 7.46 -1.47
C ASN A 272 27.34 6.95 -0.91
N TRP A 273 27.45 6.28 0.24
CA TRP A 273 26.29 5.65 0.85
C TRP A 273 25.42 6.70 1.53
N LEU A 274 24.12 6.70 1.17
CA LEU A 274 23.17 7.68 1.68
C LEU A 274 22.33 7.13 2.82
N HIS A 275 22.91 6.28 3.67
CA HIS A 275 22.16 5.73 4.79
C HIS A 275 21.70 6.83 5.74
N LYS A 276 22.48 7.91 5.85
CA LYS A 276 22.07 9.02 6.70
C LYS A 276 20.84 9.73 6.12
N GLU A 277 20.81 9.92 4.81
CA GLU A 277 19.69 10.63 4.19
C GLU A 277 18.41 9.80 4.22
N ALA A 278 18.52 8.49 3.99
CA ALA A 278 17.35 7.63 4.08
C ALA A 278 16.87 7.51 5.52
N HIS A 279 17.81 7.47 6.47
CA HIS A 279 17.44 7.52 7.88
C HIS A 279 16.58 8.74 8.17
N GLN A 280 16.98 9.90 7.65
CA GLN A 280 16.21 11.13 7.85
C GLN A 280 14.84 11.03 7.20
N LEU A 281 14.74 10.35 6.06
CA LEU A 281 13.48 10.29 5.34
C LEU A 281 12.47 9.41 6.06
N PHE A 282 12.92 8.27 6.58
CA PHE A 282 12.00 7.36 7.26
C PHE A 282 11.47 7.98 8.55
N LEU A 283 12.33 8.62 9.34
CA LEU A 283 11.92 9.17 10.64
C LEU A 283 11.13 10.46 10.49
N GLU A 284 11.49 11.30 9.52
CA GLU A 284 10.89 12.61 9.34
C GLU A 284 10.46 12.79 7.89
N PRO A 285 9.54 11.95 7.41
CA PRO A 285 9.08 12.08 6.03
C PRO A 285 8.11 13.24 5.87
N GLU A 286 7.95 13.66 4.61
CA GLU A 286 6.96 14.68 4.27
C GLU A 286 5.59 14.02 4.23
N VAL A 287 4.69 14.47 5.09
CA VAL A 287 3.37 13.87 5.23
C VAL A 287 2.31 14.96 5.28
N LEU A 288 1.08 14.59 4.95
CA LEU A 288 -0.04 15.48 5.14
C LEU A 288 -0.23 15.76 6.63
N ASP A 289 -1.02 16.80 6.92
CA ASP A 289 -1.38 17.14 8.30
C ASP A 289 -2.66 16.40 8.66
N PRO A 290 -2.63 15.42 9.57
CA PRO A 290 -3.86 14.69 9.91
C PRO A 290 -4.97 15.58 10.46
N GLU A 291 -4.64 16.76 10.99
CA GLU A 291 -5.64 17.64 11.60
C GLU A 291 -6.33 18.54 10.60
N SER A 292 -5.90 18.55 9.33
CA SER A 292 -6.45 19.47 8.35
C SER A 292 -7.82 19.03 7.88
N VAL A 293 -7.93 17.81 7.34
CA VAL A 293 -9.17 17.30 6.78
C VAL A 293 -9.80 16.35 7.77
N GLU A 294 -11.08 16.58 8.08
CA GLU A 294 -11.84 15.66 8.91
C GLU A 294 -12.44 14.57 8.02
N LEU A 295 -12.11 13.32 8.31
CA LEU A 295 -12.58 12.21 7.50
C LEU A 295 -14.07 12.00 7.71
N LYS A 296 -14.84 12.08 6.63
CA LYS A 296 -16.27 11.82 6.65
C LYS A 296 -16.61 10.74 5.64
N TRP A 297 -17.48 9.83 6.04
CA TRP A 297 -18.07 8.84 5.15
C TRP A 297 -19.52 9.26 4.91
N SER A 298 -19.83 9.61 3.66
CA SER A 298 -21.05 10.31 3.31
C SER A 298 -21.98 9.42 2.50
N GLU A 299 -23.22 9.90 2.34
CA GLU A 299 -24.22 9.17 1.57
C GLU A 299 -23.80 9.11 0.11
N PRO A 300 -23.83 7.93 -0.52
CA PRO A 300 -23.45 7.86 -1.94
C PRO A 300 -24.50 8.46 -2.84
N ASN A 301 -24.04 9.07 -3.93
CA ASN A 301 -24.93 9.64 -4.93
C ASN A 301 -25.27 8.53 -5.92
N GLU A 302 -26.44 7.92 -5.75
CA GLU A 302 -26.80 6.75 -6.53
C GLU A 302 -26.92 7.10 -8.01
N GLU A 303 -27.73 8.12 -8.34
CA GLU A 303 -28.02 8.41 -9.75
C GLU A 303 -26.75 8.76 -10.51
N GLU A 304 -25.83 9.49 -9.90
CA GLU A 304 -24.58 9.82 -10.60
C GLU A 304 -23.68 8.60 -10.73
N LEU A 305 -23.74 7.68 -9.77
CA LEU A 305 -22.97 6.44 -9.88
C LEU A 305 -23.49 5.58 -11.03
N ILE A 306 -24.80 5.54 -11.22
CA ILE A 306 -25.36 4.79 -12.34
C ILE A 306 -24.91 5.41 -13.66
N LYS A 307 -25.07 6.73 -13.80
CA LYS A 307 -24.63 7.40 -15.02
C LYS A 307 -23.16 7.14 -15.29
N PHE A 308 -22.33 7.17 -14.26
CA PHE A 308 -20.90 7.01 -14.46
C PHE A 308 -20.51 5.55 -14.68
N MET A 309 -20.90 4.66 -13.77
CA MET A 309 -20.45 3.27 -13.86
C MET A 309 -21.20 2.50 -14.94
N CYS A 310 -22.47 2.81 -15.18
CA CYS A 310 -23.27 2.09 -16.16
C CYS A 310 -23.37 2.84 -17.48
N GLY A 311 -23.90 4.07 -17.45
CA GLY A 311 -24.06 4.82 -18.68
C GLY A 311 -22.76 5.02 -19.43
N GLU A 312 -21.68 5.28 -18.71
CA GLU A 312 -20.39 5.53 -19.33
C GLU A 312 -19.48 4.31 -19.33
N LYS A 313 -19.29 3.66 -18.18
CA LYS A 313 -18.36 2.55 -18.06
C LYS A 313 -19.02 1.19 -18.28
N GLN A 314 -20.34 1.15 -18.44
CA GLN A 314 -21.05 -0.04 -18.94
C GLN A 314 -21.05 -1.18 -17.93
N PHE A 315 -21.14 -0.85 -16.65
CA PHE A 315 -21.42 -1.86 -15.64
C PHE A 315 -22.91 -2.19 -15.63
N SER A 316 -23.22 -3.40 -15.18
CA SER A 316 -24.61 -3.82 -15.07
C SER A 316 -25.37 -2.88 -14.13
N GLU A 317 -26.41 -2.23 -14.67
CA GLU A 317 -27.22 -1.35 -13.83
C GLU A 317 -27.79 -2.09 -12.64
N GLU A 318 -28.22 -3.33 -12.83
CA GLU A 318 -28.74 -4.13 -11.73
C GLU A 318 -27.68 -4.31 -10.65
N ARG A 319 -26.44 -4.60 -11.05
CA ARG A 319 -25.38 -4.85 -10.07
C ARG A 319 -24.97 -3.55 -9.36
N ILE A 320 -24.90 -2.44 -10.08
CA ILE A 320 -24.46 -1.19 -9.48
C ILE A 320 -25.50 -0.67 -8.49
N ARG A 321 -26.78 -0.63 -8.92
CA ARG A 321 -27.84 -0.24 -8.00
C ARG A 321 -27.80 -1.09 -6.73
N SER A 322 -27.70 -2.41 -6.90
CA SER A 322 -27.63 -3.28 -5.73
C SER A 322 -26.43 -2.92 -4.85
N GLY A 323 -25.30 -2.61 -5.47
CA GLY A 323 -24.12 -2.26 -4.70
C GLY A 323 -24.30 -0.98 -3.91
N VAL A 324 -24.94 0.03 -4.52
CA VAL A 324 -25.15 1.30 -3.84
C VAL A 324 -26.12 1.14 -2.69
N LYS A 325 -27.17 0.32 -2.88
CA LYS A 325 -28.09 0.07 -1.79
C LYS A 325 -27.37 -0.57 -0.60
N ARG A 326 -26.56 -1.58 -0.86
CA ARG A 326 -25.77 -2.20 0.21
C ARG A 326 -24.89 -1.16 0.89
N LEU A 327 -24.19 -0.34 0.09
CA LEU A 327 -23.31 0.67 0.66
C LEU A 327 -24.07 1.65 1.53
N SER A 328 -25.25 2.07 1.08
CA SER A 328 -26.01 3.07 1.83
C SER A 328 -26.56 2.50 3.13
N LYS A 329 -27.04 1.26 3.11
CA LYS A 329 -27.56 0.65 4.33
C LYS A 329 -26.45 0.35 5.31
N SER A 330 -25.29 -0.09 4.82
CA SER A 330 -24.19 -0.44 5.72
C SER A 330 -23.60 0.81 6.37
N ARG A 331 -23.56 1.92 5.64
CA ARG A 331 -23.11 3.18 6.23
C ARG A 331 -24.09 3.64 7.31
N GLN A 332 -25.39 3.52 7.04
CA GLN A 332 -26.40 3.89 8.02
C GLN A 332 -26.24 3.10 9.32
N GLY A 333 -25.63 1.93 9.27
CA GLY A 333 -25.51 1.08 10.44
C GLY A 333 -24.20 1.25 11.18
N SER A 334 -23.20 1.84 10.53
CA SER A 334 -21.89 2.02 11.10
C SER A 334 -21.53 3.49 11.31
N THR A 335 -22.36 4.41 10.87
CA THR A 335 -21.99 5.82 10.82
C THR A 335 -23.09 6.66 11.42
N LEU A 336 -22.71 7.61 12.27
CA LEU A 336 -23.64 8.57 12.83
C LEU A 336 -23.75 9.78 11.93
N GLU A 337 -24.97 10.27 11.75
CA GLU A 337 -25.16 11.52 11.04
C GLU A 337 -24.56 12.68 11.84
N VAL A 338 -24.29 13.78 11.13
CA VAL A 338 -23.65 14.93 11.74
C VAL A 338 -24.60 15.59 12.72
N LEU A 339 -24.07 16.06 13.84
CA LEU A 339 -24.85 16.75 14.87
C LEU A 339 -24.30 18.14 15.08
N PHE A 340 -25.20 19.10 15.28
CA PHE A 340 -24.85 20.48 15.60
C PHE A 340 -25.29 20.81 17.00
N GLN A 341 -24.53 21.70 17.65
CA GLN A 341 -24.78 22.08 19.04
C GLN A 341 -24.68 23.60 19.21
SM SM E . 6.98 1.67 -0.28
SM SM F . 4.22 4.24 -2.69
SM SM G . 9.40 0.36 -3.68
K K H . 22.39 -6.84 1.36
SM SM I . -18.87 7.08 -23.57
SM SM J . -15.09 7.82 -22.17
#